data_3DIX
#
_entry.id   3DIX
#
_cell.length_a   54.108
_cell.length_b   78.902
_cell.length_c   140.167
_cell.angle_alpha   90.00
_cell.angle_beta   90.00
_cell.angle_gamma   90.00
#
_symmetry.space_group_name_H-M   'P 21 21 21'
#
loop_
_entity.id
_entity.type
_entity.pdbx_description
1 polymer 'RNA (174-MER)'
2 non-polymer 'POTASSIUM ION'
3 non-polymer 'SODIUM ION'
4 non-polymer LYSINE
5 water water
#
_entity_poly.entity_id   1
_entity_poly.type   'polyribonucleotide'
_entity_poly.pdbx_seq_one_letter_code
;GGCCGACGGAGGCGCGCCCGAGAUGAGUAGGCUGUCCCAUCAGGGGAGGAAUCGGGGACGGCUGAAAGGCGAGGGCGCCG
AAGGGUGCAGAGUUCCUCCCGCUCUGCAUGCCUGGGGGUAUGGGGAAUACCCAUACCACUGUCACGGAGGUCUCUCCGUG
GAGAGCCGUCGGU(CCC)
;
_entity_poly.pdbx_strand_id   A
#
loop_
_chem_comp.id
_chem_comp.type
_chem_comp.name
_chem_comp.formula
A RNA linking ADENOSINE-5'-MONOPHOSPHATE 'C10 H14 N5 O7 P'
C RNA linking CYTIDINE-5'-MONOPHOSPHATE 'C9 H14 N3 O8 P'
CCC RNA linking 'CYTIDINE-5'-PHOSPHATE-2',3'-CYCLIC PHOSPHATE' 'C9 H13 N3 O10 P2'
G RNA linking GUANOSINE-5'-MONOPHOSPHATE 'C10 H14 N5 O8 P'
K non-polymer 'POTASSIUM ION' 'K 1'
NA non-polymer 'SODIUM ION' 'Na 1'
U RNA linking URIDINE-5'-MONOPHOSPHATE 'C9 H13 N2 O9 P'
#
# COMPACT_ATOMS: atom_id res chain seq x y z
PC CCC A 174 0.85 12.64 -12.33
O1C CCC A 174 1.45 13.66 -13.30
O2C CCC A 174 0.33 13.24 -11.03
P CCC A 174 -2.22 7.25 -16.41
OP1 CCC A 174 -3.08 8.40 -16.90
OP2 CCC A 174 -1.56 6.33 -17.42
O5' CCC A 174 -1.05 7.83 -15.46
C5' CCC A 174 -0.82 9.23 -15.31
C4' CCC A 174 -1.15 9.63 -13.86
O4' CCC A 174 -0.79 8.61 -12.90
C3' CCC A 174 -0.31 10.75 -13.32
O3' CCC A 174 -0.58 12.14 -12.89
C2' CCC A 174 1.01 10.16 -12.93
O2' CCC A 174 1.77 11.25 -12.20
C1' CCC A 174 0.47 8.91 -12.23
N1 CCC A 174 1.42 7.80 -12.42
C2 CCC A 174 2.56 7.63 -11.59
O2 CCC A 174 2.78 8.42 -10.65
N3 CCC A 174 3.40 6.60 -11.79
C4 CCC A 174 3.20 5.71 -12.80
N4 CCC A 174 4.06 4.68 -13.02
C5 CCC A 174 2.09 5.85 -13.64
C6 CCC A 174 1.22 6.91 -13.42
K K B . 3.68 -13.18 19.59
NA NA C . -14.58 -26.07 27.63
NA NA D . 20.35 2.14 11.87
NA NA E . -21.28 -26.94 34.74
NA NA F . -2.65 -20.32 27.19
NA NA G . -3.83 -17.83 29.28
N LYS H . 1.86 -8.61 16.23
CA LYS H . 1.31 -9.92 16.66
C LYS H . 2.42 -10.87 17.13
O LYS H . 3.61 -10.59 16.99
CB LYS H . 0.49 -10.56 15.54
CG LYS H . -0.78 -9.80 15.23
CD LYS H . -1.70 -10.58 14.34
CE LYS H . -3.07 -9.92 14.26
NZ LYS H . -3.03 -8.66 13.46
OXT LYS H . 2.14 -11.94 17.67
#